data_7TZ9
#
_entry.id   7TZ9
#
_cell.length_a   61.028
_cell.length_b   61.028
_cell.length_c   146.717
_cell.angle_alpha   90.000
_cell.angle_beta   90.000
_cell.angle_gamma   120.000
#
_symmetry.space_group_name_H-M   'P 32 2 1'
#
loop_
_entity.id
_entity.type
_entity.pdbx_description
1 polymer 'Quinolone signal response protein'
2 non-polymer 'FE (III) ION'
3 water water
#
_entity_poly.entity_id   1
_entity_poly.type   'polypeptide(L)'
_entity_poly.pdbx_seq_one_letter_code
;GSHMLRLSAPGQLDDDLCLLGDVQVPVFLLRLGEASWALVEGGISRDAELVWADLCRWVADPSQVHYWLITHKHYDHCGL
LPYLCPRLPNVQVLASERTCQAWKSESAVRVVERLNRQLLRAEQRLPEACAWDALPVRAVADGEWLELGPRHRLQVIEAH
GHSDDHVVFYDVRRRRLFCGDALGWFDEAEGVWRPLVFDDMEAYLESLERLQRLPTLLQLIPGHGGLLRGRLAADGAESA
YTECLRLCRRLLWRQSMGESLDELSEELHRAWGGQSVDFLPGELHLGSMRRMLEILSRQALPLD
;
_entity_poly.pdbx_strand_id   A
#
loop_
_chem_comp.id
_chem_comp.type
_chem_comp.name
_chem_comp.formula
FE non-polymer 'FE (III) ION' 'Fe 3'
#
# COMPACT_ATOMS: atom_id res chain seq x y z
N HIS A 3 20.45 0.78 -2.35
CA HIS A 3 21.02 0.95 -1.01
C HIS A 3 20.89 -0.33 -0.17
N MET A 4 21.86 -0.55 0.72
CA MET A 4 21.97 -1.82 1.44
C MET A 4 20.72 -2.12 2.25
N LEU A 5 20.12 -1.10 2.86
CA LEU A 5 18.98 -1.28 3.78
C LEU A 5 17.64 -1.37 3.06
N ARG A 6 17.64 -1.45 1.73
CA ARG A 6 16.41 -1.42 0.94
C ARG A 6 16.57 -2.41 -0.20
N LEU A 7 15.65 -3.37 -0.29
CA LEU A 7 15.60 -4.31 -1.41
C LEU A 7 14.50 -3.82 -2.34
N SER A 8 14.90 -3.36 -3.52
CA SER A 8 13.92 -2.76 -4.42
C SER A 8 14.11 -3.26 -5.84
N ALA A 9 14.37 -4.56 -6.00
CA ALA A 9 14.42 -5.12 -7.34
C ALA A 9 13.44 -6.29 -7.45
N PRO A 10 12.86 -6.51 -8.63
CA PRO A 10 11.94 -7.65 -8.78
C PRO A 10 12.68 -8.96 -8.54
N GLY A 11 11.92 -9.96 -8.10
CA GLY A 11 12.48 -11.27 -7.82
C GLY A 11 12.50 -11.58 -6.33
N GLN A 12 13.39 -12.49 -5.96
CA GLN A 12 13.37 -13.02 -4.60
C GLN A 12 13.90 -11.98 -3.61
N LEU A 13 13.19 -11.82 -2.49
CA LEU A 13 13.58 -10.90 -1.42
C LEU A 13 13.98 -11.60 -0.14
N ASP A 14 13.45 -12.79 0.10
CA ASP A 14 13.72 -13.58 1.30
C ASP A 14 13.41 -15.02 0.90
N ASP A 15 13.65 -15.96 1.82
CA ASP A 15 13.41 -17.37 1.51
C ASP A 15 11.98 -17.60 1.03
N ASP A 16 11.02 -16.85 1.59
CA ASP A 16 9.61 -17.08 1.37
C ASP A 16 8.93 -15.96 0.58
N LEU A 17 9.70 -15.00 0.07
CA LEU A 17 9.10 -13.72 -0.34
C LEU A 17 9.71 -13.25 -1.65
N CYS A 18 8.84 -12.88 -2.60
CA CYS A 18 9.27 -12.35 -3.88
C CYS A 18 8.53 -11.04 -4.17
N LEU A 19 9.18 -10.18 -4.96
CA LEU A 19 8.56 -8.97 -5.47
C LEU A 19 8.17 -9.21 -6.93
N LEU A 20 6.88 -9.06 -7.23
CA LEU A 20 6.36 -9.13 -8.59
C LEU A 20 6.09 -7.74 -9.14
N GLY A 21 6.34 -7.57 -10.44
CA GLY A 21 5.94 -6.36 -11.12
C GLY A 21 6.90 -5.20 -10.87
N ASP A 22 6.31 -4.01 -10.90
CA ASP A 22 7.01 -2.74 -10.79
C ASP A 22 7.21 -2.41 -9.31
N VAL A 23 8.46 -2.13 -8.92
CA VAL A 23 8.78 -1.81 -7.54
C VAL A 23 8.00 -0.60 -7.03
N GLN A 24 7.56 0.30 -7.93
CA GLN A 24 6.77 1.44 -7.49
C GLN A 24 5.36 1.03 -7.05
N VAL A 25 4.80 -0.03 -7.63
CA VAL A 25 3.46 -0.52 -7.29
C VAL A 25 3.54 -2.04 -7.23
N PRO A 26 4.24 -2.59 -6.24
CA PRO A 26 4.61 -4.02 -6.31
C PRO A 26 3.49 -4.92 -5.79
N VAL A 27 3.53 -6.17 -6.23
CA VAL A 27 2.75 -7.23 -5.59
C VAL A 27 3.73 -8.23 -4.99
N PHE A 28 3.55 -8.54 -3.72
CA PHE A 28 4.42 -9.47 -3.01
C PHE A 28 3.84 -10.87 -3.05
N LEU A 29 4.71 -11.85 -3.22
CA LEU A 29 4.34 -13.25 -3.34
C LEU A 29 4.93 -13.97 -2.14
N LEU A 30 4.08 -14.55 -1.30
CA LEU A 30 4.49 -15.39 -0.17
C LEU A 30 4.38 -16.86 -0.52
N ARG A 31 5.45 -17.61 -0.27
CA ARG A 31 5.42 -19.06 -0.43
C ARG A 31 5.00 -19.67 0.91
N LEU A 32 3.78 -20.22 0.96
CA LEU A 32 3.25 -20.77 2.21
C LEU A 32 3.57 -22.24 2.41
N GLY A 33 3.87 -22.96 1.34
CA GLY A 33 4.18 -24.37 1.43
C GLY A 33 4.61 -24.86 0.07
N GLU A 34 4.74 -26.19 -0.05
CA GLU A 34 5.13 -26.74 -1.34
C GLU A 34 4.12 -26.43 -2.42
N ALA A 35 2.84 -26.35 -2.06
CA ALA A 35 1.76 -26.18 -3.01
C ALA A 35 0.78 -25.11 -2.55
N SER A 36 1.29 -24.00 -2.01
CA SER A 36 0.40 -22.97 -1.48
C SER A 36 1.13 -21.63 -1.47
N TRP A 37 0.47 -20.58 -1.99
CA TRP A 37 1.04 -19.26 -2.10
C TRP A 37 0.02 -18.20 -1.70
N ALA A 38 0.52 -17.03 -1.31
CA ALA A 38 -0.32 -15.85 -1.09
C ALA A 38 0.26 -14.64 -1.80
N LEU A 39 -0.61 -13.69 -2.13
CA LEU A 39 -0.22 -12.40 -2.65
C LEU A 39 -0.59 -11.32 -1.63
N VAL A 40 0.21 -10.26 -1.59
CA VAL A 40 -0.01 -9.13 -0.69
C VAL A 40 0.15 -7.85 -1.51
N GLU A 41 -0.83 -6.94 -1.39
CA GLU A 41 -1.01 -5.72 -2.17
C GLU A 41 -1.59 -6.01 -3.56
N GLY A 42 -2.47 -5.15 -4.03
CA GLY A 42 -3.27 -5.43 -5.23
C GLY A 42 -3.00 -4.58 -6.46
N GLY A 43 -2.01 -3.70 -6.41
CA GLY A 43 -1.46 -2.99 -7.57
C GLY A 43 -2.42 -2.16 -8.42
N ILE A 44 -1.95 -1.89 -9.66
CA ILE A 44 -2.71 -1.11 -10.65
C ILE A 44 -3.10 -2.02 -11.81
N SER A 45 -4.28 -1.74 -12.38
CA SER A 45 -4.87 -2.63 -13.38
C SER A 45 -3.96 -2.84 -14.59
N ARG A 46 -3.28 -1.78 -15.06
CA ARG A 46 -2.50 -1.88 -16.29
C ARG A 46 -1.31 -2.83 -16.17
N ASP A 47 -0.92 -3.19 -14.95
CA ASP A 47 0.18 -4.12 -14.73
C ASP A 47 -0.27 -5.58 -14.71
N ALA A 48 -1.53 -5.87 -15.06
CA ALA A 48 -2.05 -7.23 -14.94
C ALA A 48 -1.15 -8.25 -15.63
N GLU A 49 -0.80 -8.01 -16.89
CA GLU A 49 -0.05 -9.01 -17.65
C GLU A 49 1.41 -9.08 -17.20
N LEU A 50 1.97 -7.96 -16.75
CA LEU A 50 3.32 -7.98 -16.20
C LEU A 50 3.39 -8.79 -14.91
N VAL A 51 2.46 -8.53 -13.99
CA VAL A 51 2.44 -9.26 -12.72
C VAL A 51 2.12 -10.74 -12.95
N TRP A 52 1.20 -11.02 -13.88
CA TRP A 52 0.90 -12.41 -14.23
C TRP A 52 2.14 -13.13 -14.76
N ALA A 53 2.87 -12.47 -15.65
CA ALA A 53 4.05 -13.11 -16.22
C ALA A 53 5.08 -13.40 -15.13
N ASP A 54 5.27 -12.44 -14.22
CA ASP A 54 6.19 -12.66 -13.10
C ASP A 54 5.71 -13.80 -12.21
N LEU A 55 4.41 -13.80 -11.89
CA LEU A 55 3.84 -14.83 -11.02
C LEU A 55 4.11 -16.22 -11.59
N CYS A 56 3.89 -16.41 -12.89
CA CYS A 56 4.01 -17.72 -13.49
C CYS A 56 5.45 -18.19 -13.55
N ARG A 57 6.41 -17.31 -13.31
CA ARG A 57 7.80 -17.75 -13.23
C ARG A 57 8.09 -18.46 -11.92
N TRP A 58 7.35 -18.14 -10.87
CA TRP A 58 7.52 -18.76 -9.57
C TRP A 58 6.48 -19.84 -9.30
N VAL A 59 5.26 -19.68 -9.84
CA VAL A 59 4.13 -20.53 -9.51
C VAL A 59 3.74 -21.28 -10.79
N ALA A 60 4.04 -22.58 -10.84
CA ALA A 60 3.71 -23.35 -12.03
C ALA A 60 2.21 -23.63 -12.12
N ASP A 61 1.53 -23.69 -10.98
CA ASP A 61 0.09 -23.99 -10.94
C ASP A 61 -0.63 -22.86 -10.22
N PRO A 62 -1.25 -21.94 -10.95
CA PRO A 62 -1.92 -20.79 -10.30
C PRO A 62 -3.08 -21.17 -9.42
N SER A 63 -3.63 -22.38 -9.54
CA SER A 63 -4.63 -22.79 -8.57
C SER A 63 -4.05 -22.97 -7.17
N GLN A 64 -2.73 -22.83 -7.01
CA GLN A 64 -2.10 -22.91 -5.70
C GLN A 64 -2.04 -21.56 -4.99
N VAL A 65 -2.45 -20.48 -5.64
CA VAL A 65 -2.52 -19.17 -5.00
C VAL A 65 -3.83 -19.11 -4.20
N HIS A 66 -3.71 -19.11 -2.87
CA HIS A 66 -4.88 -19.30 -2.00
C HIS A 66 -5.38 -18.03 -1.31
N TYR A 67 -4.54 -17.01 -1.14
CA TYR A 67 -4.94 -15.80 -0.45
C TYR A 67 -4.38 -14.58 -1.15
N TRP A 68 -5.13 -13.47 -1.09
CA TRP A 68 -4.68 -12.18 -1.59
C TRP A 68 -5.04 -11.14 -0.54
N LEU A 69 -4.01 -10.58 0.13
CA LEU A 69 -4.21 -9.65 1.23
C LEU A 69 -4.15 -8.22 0.73
N ILE A 70 -5.11 -7.40 1.15
CA ILE A 70 -5.28 -6.05 0.62
C ILE A 70 -5.25 -5.08 1.78
N THR A 71 -4.40 -4.04 1.68
CA THR A 71 -4.27 -3.07 2.76
C THR A 71 -5.36 -2.01 2.70
N HIS A 72 -5.72 -1.52 1.52
CA HIS A 72 -6.80 -0.53 1.45
C HIS A 72 -7.34 -0.39 0.03
N LYS A 73 -8.40 0.41 -0.07
CA LYS A 73 -9.26 0.54 -1.24
C LYS A 73 -8.71 1.47 -2.31
N HIS A 74 -7.58 2.14 -2.09
CA HIS A 74 -7.12 3.07 -3.11
C HIS A 74 -6.83 2.34 -4.41
N TYR A 75 -7.02 3.07 -5.52
CA TYR A 75 -7.00 2.47 -6.86
C TYR A 75 -5.70 1.74 -7.13
N ASP A 76 -4.59 2.17 -6.52
CA ASP A 76 -3.29 1.57 -6.76
C ASP A 76 -2.98 0.41 -5.81
N HIS A 77 -3.97 -0.04 -5.04
CA HIS A 77 -3.76 -1.17 -4.13
C HIS A 77 -4.81 -2.25 -4.31
N CYS A 78 -5.68 -2.12 -5.31
CA CYS A 78 -6.63 -3.17 -5.60
C CYS A 78 -6.93 -3.25 -7.11
N GLY A 79 -6.18 -2.54 -7.95
CA GLY A 79 -6.51 -2.46 -9.36
C GLY A 79 -6.39 -3.77 -10.11
N LEU A 80 -5.59 -4.72 -9.59
CA LEU A 80 -5.38 -5.98 -10.30
C LEU A 80 -6.49 -6.98 -10.06
N LEU A 81 -7.30 -6.80 -9.01
CA LEU A 81 -8.16 -7.90 -8.55
C LEU A 81 -9.12 -8.38 -9.62
N PRO A 82 -9.89 -7.52 -10.29
CA PRO A 82 -10.85 -8.03 -11.29
C PRO A 82 -10.19 -8.75 -12.46
N TYR A 83 -8.90 -8.47 -12.73
CA TYR A 83 -8.21 -8.98 -13.90
C TYR A 83 -7.43 -10.27 -13.63
N LEU A 84 -6.93 -10.44 -12.41
CA LEU A 84 -6.15 -11.63 -12.08
C LEU A 84 -6.94 -12.65 -11.28
N CYS A 85 -7.91 -12.22 -10.49
CA CYS A 85 -8.70 -13.20 -9.73
C CYS A 85 -9.34 -14.25 -10.63
N PRO A 86 -9.90 -13.93 -11.80
CA PRO A 86 -10.42 -15.00 -12.66
C PRO A 86 -9.36 -16.03 -13.03
N ARG A 87 -8.09 -15.65 -13.03
CA ARG A 87 -6.99 -16.56 -13.35
C ARG A 87 -6.48 -17.31 -12.13
N LEU A 88 -7.02 -17.04 -10.95
CA LEU A 88 -6.62 -17.66 -9.70
C LEU A 88 -7.86 -18.32 -9.11
N PRO A 89 -8.20 -19.53 -9.56
CA PRO A 89 -9.51 -20.11 -9.22
C PRO A 89 -9.70 -20.41 -7.74
N ASN A 90 -8.63 -20.58 -6.97
CA ASN A 90 -8.74 -20.89 -5.55
C ASN A 90 -8.46 -19.70 -4.64
N VAL A 91 -8.24 -18.50 -5.18
CA VAL A 91 -7.80 -17.41 -4.32
C VAL A 91 -8.96 -16.90 -3.48
N GLN A 92 -8.64 -16.49 -2.24
CA GLN A 92 -9.56 -15.76 -1.37
C GLN A 92 -8.97 -14.39 -1.10
N VAL A 93 -9.72 -13.32 -1.42
CA VAL A 93 -9.25 -11.97 -1.17
C VAL A 93 -9.60 -11.61 0.27
N LEU A 94 -8.58 -11.19 1.03
CA LEU A 94 -8.73 -10.84 2.45
C LEU A 94 -8.59 -9.33 2.57
N ALA A 95 -9.64 -8.67 3.03
CA ALA A 95 -9.63 -7.22 3.15
C ALA A 95 -10.49 -6.82 4.33
N SER A 96 -10.33 -5.57 4.75
CA SER A 96 -11.13 -5.10 5.88
C SER A 96 -12.59 -4.94 5.46
N GLU A 97 -13.46 -4.83 6.46
CA GLU A 97 -14.88 -4.62 6.20
C GLU A 97 -15.11 -3.41 5.31
N ARG A 98 -14.52 -2.27 5.68
CA ARG A 98 -14.71 -1.04 4.91
C ARG A 98 -14.10 -1.13 3.52
N THR A 99 -12.98 -1.84 3.37
CA THR A 99 -12.41 -2.02 2.04
C THR A 99 -13.35 -2.84 1.16
N CYS A 100 -13.92 -3.92 1.72
CA CYS A 100 -14.89 -4.72 0.99
C CYS A 100 -16.10 -3.88 0.61
N GLN A 101 -16.50 -2.95 1.49
CA GLN A 101 -17.64 -2.09 1.18
C GLN A 101 -17.37 -1.22 -0.03
N ALA A 102 -16.14 -0.72 -0.16
CA ALA A 102 -15.77 0.12 -1.30
C ALA A 102 -16.04 -0.60 -2.62
N TRP A 103 -15.83 -1.93 -2.67
CA TRP A 103 -15.99 -2.68 -3.91
C TRP A 103 -17.44 -2.93 -4.28
N LYS A 104 -18.37 -2.76 -3.35
CA LYS A 104 -19.79 -2.84 -3.66
C LYS A 104 -20.42 -1.47 -3.82
N SER A 105 -19.62 -0.40 -3.80
CA SER A 105 -20.11 0.95 -4.03
C SER A 105 -19.91 1.31 -5.49
N GLU A 106 -21.01 1.65 -6.17
CA GLU A 106 -20.95 2.01 -7.58
C GLU A 106 -20.04 3.23 -7.81
N SER A 107 -20.18 4.24 -6.96
CA SER A 107 -19.40 5.46 -7.15
C SER A 107 -17.93 5.25 -6.82
N ALA A 108 -17.62 4.40 -5.83
CA ALA A 108 -16.22 4.15 -5.49
C ALA A 108 -15.52 3.33 -6.56
N VAL A 109 -16.20 2.29 -7.08
CA VAL A 109 -15.65 1.50 -8.17
C VAL A 109 -15.38 2.39 -9.38
N ARG A 110 -16.21 3.40 -9.59
CA ARG A 110 -16.05 4.32 -10.73
C ARG A 110 -14.75 5.10 -10.62
N VAL A 111 -14.44 5.62 -9.42
CA VAL A 111 -13.18 6.33 -9.23
C VAL A 111 -12.00 5.39 -9.46
N VAL A 112 -12.05 4.19 -8.90
CA VAL A 112 -10.94 3.25 -9.03
C VAL A 112 -10.68 2.92 -10.50
N GLU A 113 -11.74 2.72 -11.28
CA GLU A 113 -11.57 2.35 -12.67
C GLU A 113 -11.07 3.53 -13.50
N ARG A 114 -11.60 4.73 -13.25
CA ARG A 114 -11.11 5.91 -13.97
C ARG A 114 -9.63 6.14 -13.70
N LEU A 115 -9.22 6.09 -12.43
CA LEU A 115 -7.82 6.33 -12.11
C LEU A 115 -6.91 5.29 -12.74
N ASN A 116 -7.35 4.02 -12.75
CA ASN A 116 -6.55 2.97 -13.38
C ASN A 116 -6.53 3.11 -14.90
N ARG A 117 -7.64 3.50 -15.51
CA ARG A 117 -7.67 3.67 -16.96
C ARG A 117 -6.69 4.73 -17.41
N GLN A 118 -6.52 5.80 -16.62
CA GLN A 118 -5.56 6.85 -16.95
C GLN A 118 -4.13 6.33 -17.05
N LEU A 119 -3.85 5.16 -16.47
CA LEU A 119 -2.51 4.59 -16.49
C LEU A 119 -2.30 3.60 -17.63
N LEU A 120 -3.35 3.27 -18.39
CA LEU A 120 -3.20 2.41 -19.55
C LEU A 120 -2.35 3.11 -20.60
N ARG A 121 -1.49 2.34 -21.25
CA ARG A 121 -0.83 2.83 -22.44
C ARG A 121 -1.76 2.63 -23.63
N ALA A 122 -1.64 3.52 -24.62
CA ALA A 122 -2.53 3.48 -25.78
C ALA A 122 -2.54 2.11 -26.44
N GLU A 123 -1.44 1.38 -26.33
CA GLU A 123 -1.35 0.06 -26.94
C GLU A 123 -2.30 -0.94 -26.26
N GLN A 124 -2.29 -0.99 -24.93
CA GLN A 124 -2.71 -2.19 -24.23
C GLN A 124 -4.22 -2.24 -23.98
N ARG A 125 -4.72 -3.49 -23.96
CA ARG A 125 -6.09 -3.80 -23.57
C ARG A 125 -6.05 -4.71 -22.35
N LEU A 126 -6.96 -4.46 -21.41
CA LEU A 126 -7.02 -5.20 -20.16
C LEU A 126 -7.59 -6.60 -20.35
N PRO A 127 -7.23 -7.55 -19.47
CA PRO A 127 -7.82 -8.88 -19.54
C PRO A 127 -9.32 -8.82 -19.26
N GLU A 128 -9.99 -9.96 -19.48
CA GLU A 128 -11.41 -10.02 -19.14
C GLU A 128 -11.56 -10.00 -17.63
N ALA A 129 -12.37 -9.06 -17.14
CA ALA A 129 -12.50 -8.80 -15.73
C ALA A 129 -13.79 -9.40 -15.18
N CYS A 130 -13.75 -9.78 -13.91
CA CYS A 130 -14.98 -10.13 -13.24
C CYS A 130 -15.49 -8.91 -12.47
N ALA A 131 -16.77 -8.93 -12.16
CA ALA A 131 -17.41 -7.80 -11.49
C ALA A 131 -16.75 -7.54 -10.14
N TRP A 132 -16.66 -6.25 -9.79
CA TRP A 132 -16.08 -5.88 -8.50
C TRP A 132 -16.87 -6.48 -7.35
N ASP A 133 -18.19 -6.53 -7.45
CA ASP A 133 -19.01 -7.11 -6.40
C ASP A 133 -19.06 -8.62 -6.45
N ALA A 134 -18.31 -9.25 -7.35
CA ALA A 134 -18.22 -10.70 -7.47
C ALA A 134 -16.83 -11.22 -7.11
N LEU A 135 -15.97 -10.38 -6.54
CA LEU A 135 -14.65 -10.84 -6.14
C LEU A 135 -14.77 -11.86 -4.99
N PRO A 136 -13.90 -12.85 -4.95
CA PRO A 136 -13.98 -13.86 -3.87
C PRO A 136 -13.36 -13.36 -2.57
N VAL A 137 -14.11 -12.51 -1.84
CA VAL A 137 -13.55 -11.79 -0.70
C VAL A 137 -14.04 -12.40 0.60
N ARG A 138 -13.19 -12.33 1.62
CA ARG A 138 -13.56 -12.63 3.00
C ARG A 138 -13.10 -11.44 3.83
N ALA A 139 -14.06 -10.77 4.47
CA ALA A 139 -13.73 -9.60 5.28
C ALA A 139 -12.95 -10.02 6.51
N VAL A 140 -11.92 -9.26 6.85
CA VAL A 140 -11.15 -9.55 8.07
C VAL A 140 -11.29 -8.38 9.03
N ALA A 141 -11.17 -8.68 10.33
CA ALA A 141 -11.38 -7.70 11.38
C ALA A 141 -10.06 -7.30 12.03
N ASP A 142 -10.10 -6.15 12.71
CA ASP A 142 -8.97 -5.67 13.50
C ASP A 142 -8.57 -6.73 14.54
N GLY A 143 -7.29 -7.09 14.55
CA GLY A 143 -6.80 -8.05 15.52
C GLY A 143 -6.92 -9.51 15.12
N GLU A 144 -7.58 -9.81 14.01
CA GLU A 144 -7.75 -11.20 13.57
C GLU A 144 -6.42 -11.80 13.16
N TRP A 145 -6.22 -13.06 13.52
CA TRP A 145 -5.04 -13.80 13.09
C TRP A 145 -5.33 -14.54 11.79
N LEU A 146 -4.51 -14.30 10.76
CA LEU A 146 -4.65 -14.98 9.47
C LEU A 146 -3.67 -16.15 9.45
N GLU A 147 -4.21 -17.36 9.58
CA GLU A 147 -3.43 -18.59 9.55
C GLU A 147 -3.28 -19.02 8.09
N LEU A 148 -2.26 -18.45 7.44
CA LEU A 148 -2.13 -18.64 5.99
C LEU A 148 -1.50 -19.98 5.65
N GLY A 149 -0.58 -20.46 6.49
CA GLY A 149 0.08 -21.72 6.28
C GLY A 149 0.82 -22.13 7.54
N PRO A 150 1.48 -23.28 7.53
CA PRO A 150 2.13 -23.77 8.76
C PRO A 150 3.22 -22.85 9.28
N ARG A 151 3.84 -22.03 8.43
CA ARG A 151 4.88 -21.11 8.89
C ARG A 151 4.53 -19.65 8.62
N HIS A 152 3.25 -19.34 8.41
CA HIS A 152 2.83 -17.99 8.07
C HIS A 152 1.57 -17.63 8.83
N ARG A 153 1.73 -16.81 9.86
CA ARG A 153 0.66 -16.33 10.72
C ARG A 153 0.77 -14.82 10.78
N LEU A 154 -0.21 -14.10 10.21
CA LEU A 154 -0.18 -12.65 10.15
C LEU A 154 -1.40 -12.07 10.86
N GLN A 155 -1.17 -11.03 11.67
CA GLN A 155 -2.25 -10.36 12.39
C GLN A 155 -2.71 -9.12 11.62
N VAL A 156 -4.01 -8.96 11.51
CA VAL A 156 -4.60 -7.75 10.94
C VAL A 156 -4.58 -6.65 11.99
N ILE A 157 -4.01 -5.49 11.64
CA ILE A 157 -4.00 -4.35 12.54
C ILE A 157 -4.63 -3.15 11.84
N GLU A 158 -5.71 -2.64 12.42
CA GLU A 158 -6.34 -1.44 11.91
C GLU A 158 -5.36 -0.27 11.94
N ALA A 159 -5.29 0.46 10.84
CA ALA A 159 -4.32 1.53 10.72
C ALA A 159 -4.93 2.67 9.88
N HIS A 160 -6.05 3.20 10.36
CA HIS A 160 -6.77 4.27 9.68
C HIS A 160 -5.98 5.58 9.72
N GLY A 161 -6.35 6.50 8.84
CA GLY A 161 -5.72 7.82 8.78
C GLY A 161 -5.23 8.21 7.40
N HIS A 162 -4.42 7.35 6.78
CA HIS A 162 -4.16 7.50 5.35
C HIS A 162 -5.46 7.40 4.58
N SER A 163 -6.26 6.40 4.89
CA SER A 163 -7.62 6.24 4.39
C SER A 163 -8.44 5.67 5.54
N ASP A 164 -9.77 5.77 5.42
CA ASP A 164 -10.61 5.37 6.55
C ASP A 164 -10.80 3.86 6.65
N ASP A 165 -10.21 3.08 5.75
CA ASP A 165 -10.35 1.63 5.73
C ASP A 165 -9.02 0.90 5.90
N HIS A 166 -7.90 1.64 5.99
CA HIS A 166 -6.56 1.05 5.89
C HIS A 166 -6.25 0.09 7.03
N VAL A 167 -5.67 -1.07 6.69
CA VAL A 167 -5.14 -2.01 7.67
C VAL A 167 -3.71 -2.37 7.28
N VAL A 168 -2.97 -2.95 8.24
CA VAL A 168 -1.64 -3.51 8.01
C VAL A 168 -1.63 -4.96 8.44
N PHE A 169 -0.60 -5.69 8.01
CA PHE A 169 -0.47 -7.12 8.27
C PHE A 169 0.88 -7.41 8.88
N TYR A 170 0.89 -7.97 10.09
CA TYR A 170 2.12 -8.16 10.86
C TYR A 170 2.42 -9.65 11.00
N ASP A 171 3.60 -10.06 10.53
CA ASP A 171 4.12 -11.41 10.68
C ASP A 171 5.11 -11.39 11.85
N VAL A 172 4.64 -11.78 13.03
CA VAL A 172 5.51 -11.58 14.20
C VAL A 172 6.65 -12.59 14.19
N ARG A 173 6.45 -13.77 13.60
CA ARG A 173 7.54 -14.74 13.51
C ARG A 173 8.74 -14.15 12.75
N ARG A 174 8.48 -13.30 11.76
CA ARG A 174 9.52 -12.69 10.95
C ARG A 174 9.78 -11.23 11.28
N ARG A 175 9.12 -10.67 12.30
CA ARG A 175 9.19 -9.24 12.60
C ARG A 175 8.99 -8.43 11.32
N ARG A 176 7.97 -8.82 10.54
CA ARG A 176 7.74 -8.30 9.20
C ARG A 176 6.39 -7.62 9.17
N LEU A 177 6.36 -6.34 8.78
CA LEU A 177 5.14 -5.56 8.69
C LEU A 177 4.88 -5.14 7.25
N PHE A 178 3.77 -5.60 6.68
CA PHE A 178 3.24 -5.04 5.43
C PHE A 178 2.40 -3.83 5.83
N CYS A 179 2.96 -2.63 5.68
CA CYS A 179 2.34 -1.44 6.26
C CYS A 179 1.58 -0.58 5.25
N GLY A 180 1.45 -1.01 4.01
CA GLY A 180 0.68 -0.23 3.03
C GLY A 180 1.20 1.19 2.93
N ASP A 181 0.27 2.16 2.97
CA ASP A 181 0.60 3.59 2.92
C ASP A 181 0.51 4.28 4.28
N ALA A 182 0.46 3.52 5.39
CA ALA A 182 0.18 4.11 6.70
C ALA A 182 1.36 4.89 7.26
N LEU A 183 2.57 4.66 6.76
CA LEU A 183 3.73 5.45 7.13
C LEU A 183 4.04 6.53 6.12
N GLY A 184 3.30 6.57 5.02
CA GLY A 184 3.58 7.51 3.94
C GLY A 184 4.34 6.84 2.81
N TRP A 185 5.04 7.67 2.05
CA TRP A 185 5.85 7.23 0.93
C TRP A 185 7.32 7.40 1.29
N PHE A 186 8.09 6.32 1.24
CA PHE A 186 9.51 6.44 1.54
C PHE A 186 10.26 7.02 0.34
N ASP A 187 10.86 8.19 0.52
CA ASP A 187 11.58 8.92 -0.52
C ASP A 187 13.00 8.39 -0.52
N GLU A 188 13.29 7.46 -1.44
CA GLU A 188 14.62 6.86 -1.49
C GLU A 188 15.70 7.88 -1.84
N ALA A 189 15.32 9.07 -2.31
CA ALA A 189 16.29 10.12 -2.56
C ALA A 189 16.86 10.64 -1.25
N GLU A 190 16.02 11.27 -0.41
CA GLU A 190 16.48 11.85 0.85
C GLU A 190 16.57 10.84 1.98
N GLY A 191 15.99 9.64 1.84
CA GLY A 191 16.01 8.68 2.92
C GLY A 191 15.00 8.92 4.03
N VAL A 192 13.88 9.58 3.74
CA VAL A 192 12.87 9.88 4.75
C VAL A 192 11.47 9.57 4.23
N TRP A 193 10.54 9.46 5.17
CA TRP A 193 9.14 9.26 4.84
C TRP A 193 8.48 10.59 4.49
N ARG A 194 7.63 10.56 3.46
CA ARG A 194 6.76 11.66 3.12
C ARG A 194 5.35 11.32 3.57
N PRO A 195 4.71 12.14 4.41
CA PRO A 195 3.38 11.79 4.91
C PRO A 195 2.37 11.69 3.79
N LEU A 196 1.40 10.80 3.96
CA LEU A 196 0.27 10.62 3.04
C LEU A 196 -0.99 10.62 3.90
N VAL A 197 -1.42 11.81 4.28
CA VAL A 197 -2.57 11.93 5.18
C VAL A 197 -3.74 12.41 4.34
N PHE A 198 -4.52 11.46 3.84
CA PHE A 198 -5.61 11.75 2.93
C PHE A 198 -6.99 11.56 3.56
N ASP A 199 -7.05 11.18 4.84
CA ASP A 199 -8.35 11.06 5.49
C ASP A 199 -8.42 11.76 6.85
N ASP A 200 -7.54 11.42 7.78
CA ASP A 200 -7.67 11.90 9.16
C ASP A 200 -6.29 11.94 9.83
N MET A 201 -5.84 13.14 10.20
CA MET A 201 -4.48 13.26 10.74
C MET A 201 -4.37 12.63 12.13
N GLU A 202 -5.35 12.86 13.00
CA GLU A 202 -5.31 12.27 14.34
C GLU A 202 -5.28 10.75 14.28
N ALA A 203 -6.06 10.15 13.38
CA ALA A 203 -6.04 8.70 13.25
C ALA A 203 -4.71 8.21 12.67
N TYR A 204 -4.15 8.95 11.72
CA TYR A 204 -2.87 8.60 11.11
C TYR A 204 -1.76 8.56 12.16
N LEU A 205 -1.67 9.61 12.97
CA LEU A 205 -0.70 9.67 14.06
C LEU A 205 -0.96 8.58 15.10
N GLU A 206 -2.23 8.38 15.47
CA GLU A 206 -2.56 7.35 16.46
C GLU A 206 -2.17 5.96 15.96
N SER A 207 -2.38 5.71 14.66
CA SER A 207 -1.97 4.44 14.07
C SER A 207 -0.47 4.25 14.18
N LEU A 208 0.31 5.31 13.90
CA LEU A 208 1.77 5.20 13.98
C LEU A 208 2.23 4.96 15.41
N GLU A 209 1.59 5.60 16.41
CA GLU A 209 1.90 5.33 17.82
C GLU A 209 1.71 3.86 18.15
N ARG A 210 0.60 3.27 17.70
CA ARG A 210 0.36 1.86 18.00
C ARG A 210 1.35 0.98 17.27
N LEU A 211 1.69 1.33 16.03
CA LEU A 211 2.63 0.50 15.27
C LEU A 211 4.03 0.55 15.87
N GLN A 212 4.41 1.67 16.49
CA GLN A 212 5.68 1.72 17.23
C GLN A 212 5.70 0.77 18.41
N ARG A 213 4.56 0.42 18.98
CA ARG A 213 4.60 -0.50 20.12
C ARG A 213 4.76 -1.96 19.71
N LEU A 214 4.73 -2.28 18.41
CA LEU A 214 5.01 -3.64 17.97
C LEU A 214 6.42 -4.06 18.37
N PRO A 215 6.68 -5.36 18.52
CA PRO A 215 8.06 -5.81 18.68
C PRO A 215 8.93 -5.28 17.55
N THR A 216 10.17 -4.91 17.89
CA THR A 216 11.12 -4.34 16.93
C THR A 216 11.04 -5.02 15.58
N LEU A 217 10.82 -4.23 14.53
CA LEU A 217 10.72 -4.78 13.18
C LEU A 217 12.09 -5.12 12.58
N LEU A 218 12.12 -6.21 11.82
CA LEU A 218 13.26 -6.53 10.97
C LEU A 218 13.03 -6.19 9.50
N GLN A 219 11.79 -6.28 9.03
CA GLN A 219 11.46 -5.99 7.63
C GLN A 219 10.19 -5.13 7.61
N LEU A 220 10.24 -4.04 6.86
CA LEU A 220 9.12 -3.11 6.76
C LEU A 220 8.79 -2.94 5.28
N ILE A 221 7.57 -3.29 4.89
CA ILE A 221 7.22 -3.40 3.48
C ILE A 221 6.03 -2.51 3.20
N PRO A 222 6.26 -1.26 2.75
CA PRO A 222 5.15 -0.36 2.45
C PRO A 222 4.49 -0.71 1.12
N GLY A 223 3.48 0.08 0.76
CA GLY A 223 2.79 -0.13 -0.49
C GLY A 223 3.58 0.29 -1.71
N HIS A 224 4.68 1.02 -1.55
CA HIS A 224 5.45 1.51 -2.69
C HIS A 224 6.93 1.47 -2.35
N GLY A 225 7.75 0.94 -3.26
CA GLY A 225 9.18 1.16 -3.17
C GLY A 225 10.01 -0.02 -2.73
N GLY A 226 9.42 -1.12 -2.29
CA GLY A 226 10.22 -2.31 -1.98
C GLY A 226 10.31 -2.53 -0.49
N LEU A 227 11.28 -3.36 -0.10
CA LEU A 227 11.40 -3.82 1.28
C LEU A 227 12.49 -3.05 2.01
N LEU A 228 12.19 -2.59 3.23
CA LEU A 228 13.14 -1.88 4.09
C LEU A 228 13.57 -2.77 5.24
N ARG A 229 14.86 -2.74 5.57
CA ARG A 229 15.41 -3.61 6.61
C ARG A 229 16.34 -2.79 7.49
N GLY A 230 16.97 -3.47 8.45
CA GLY A 230 17.89 -2.79 9.37
C GLY A 230 17.21 -1.66 10.11
N ARG A 231 17.90 -0.53 10.23
CA ARG A 231 17.36 0.56 11.04
C ARG A 231 16.14 1.19 10.40
N LEU A 232 16.03 1.13 9.07
CA LEU A 232 14.85 1.69 8.41
C LEU A 232 13.59 0.96 8.84
N ALA A 233 13.67 -0.35 9.01
CA ALA A 233 12.51 -1.09 9.52
C ALA A 233 12.31 -0.79 11.00
N ALA A 234 13.38 -0.88 11.80
CA ALA A 234 13.24 -0.72 13.26
C ALA A 234 12.67 0.65 13.62
N ASP A 235 13.08 1.69 12.89
CA ASP A 235 12.70 3.07 13.24
C ASP A 235 11.59 3.61 12.35
N GLY A 236 11.02 2.79 11.47
CA GLY A 236 10.12 3.29 10.44
C GLY A 236 8.89 4.02 10.95
N ALA A 237 8.13 3.36 11.83
CA ALA A 237 6.91 3.97 12.35
C ALA A 237 7.21 5.27 13.11
N GLU A 238 8.31 5.28 13.87
CA GLU A 238 8.69 6.49 14.59
C GLU A 238 9.09 7.61 13.64
N SER A 239 9.91 7.29 12.62
CA SER A 239 10.33 8.30 11.65
C SER A 239 9.14 8.86 10.88
N ALA A 240 8.20 8.00 10.49
CA ALA A 240 7.01 8.46 9.77
C ALA A 240 6.19 9.41 10.63
N TYR A 241 6.11 9.11 11.93
CA TYR A 241 5.40 9.98 12.86
C TYR A 241 6.09 11.34 12.94
N THR A 242 7.41 11.32 13.13
CA THR A 242 8.21 12.54 13.15
C THR A 242 8.03 13.36 11.87
N GLU A 243 8.04 12.72 10.70
CA GLU A 243 7.95 13.50 9.46
C GLU A 243 6.58 14.13 9.30
N CYS A 244 5.53 13.48 9.82
CA CYS A 244 4.19 14.07 9.75
C CYS A 244 4.10 15.31 10.64
N LEU A 245 4.63 15.25 11.85
CA LEU A 245 4.65 16.42 12.71
C LEU A 245 5.47 17.54 12.06
N ARG A 246 6.58 17.16 11.43
CA ARG A 246 7.42 18.15 10.78
C ARG A 246 6.66 18.87 9.67
N LEU A 247 5.81 18.12 8.94
CA LEU A 247 5.01 18.74 7.89
C LEU A 247 3.95 19.67 8.48
N CYS A 248 3.28 19.24 9.56
CA CYS A 248 2.34 20.12 10.25
C CYS A 248 2.98 21.44 10.64
N ARG A 249 4.16 21.39 11.28
CA ARG A 249 4.82 22.61 11.72
C ARG A 249 5.17 23.50 10.54
N ARG A 250 5.66 22.92 9.45
CA ARG A 250 5.96 23.70 8.26
C ARG A 250 4.69 24.35 7.71
N LEU A 251 3.58 23.62 7.75
CA LEU A 251 2.30 24.18 7.29
C LEU A 251 1.90 25.38 8.14
N LEU A 252 1.91 25.21 9.47
CA LEU A 252 1.53 26.29 10.36
C LEU A 252 2.50 27.46 10.26
N TRP A 253 3.80 27.17 10.06
CA TRP A 253 4.77 28.25 9.89
C TRP A 253 4.42 29.10 8.67
N ARG A 254 4.19 28.47 7.52
CA ARG A 254 4.04 29.25 6.29
C ARG A 254 2.65 29.85 6.17
N GLN A 255 1.62 29.17 6.68
CA GLN A 255 0.30 29.80 6.76
C GLN A 255 0.37 31.10 7.56
N SER A 256 1.07 31.08 8.69
CA SER A 256 1.14 32.29 9.52
C SER A 256 2.02 33.36 8.89
N MET A 257 2.69 33.06 7.79
CA MET A 257 3.34 34.07 6.97
C MET A 257 2.49 34.44 5.74
N GLY A 258 1.19 34.18 5.80
CA GLY A 258 0.28 34.59 4.75
C GLY A 258 0.24 33.69 3.53
N GLU A 259 0.99 32.58 3.53
CA GLU A 259 0.99 31.67 2.37
C GLU A 259 -0.33 30.91 2.29
N SER A 260 -0.87 30.82 1.08
CA SER A 260 -2.06 30.01 0.83
C SER A 260 -1.68 28.54 0.73
N LEU A 261 -2.68 27.68 0.94
CA LEU A 261 -2.45 26.24 0.85
C LEU A 261 -2.05 25.85 -0.57
N ASP A 262 -2.65 26.48 -1.57
CA ASP A 262 -2.27 26.23 -2.95
C ASP A 262 -0.81 26.58 -3.21
N GLU A 263 -0.34 27.69 -2.62
CA GLU A 263 1.07 28.06 -2.70
C GLU A 263 1.95 26.95 -2.14
N LEU A 264 1.65 26.51 -0.92
CA LEU A 264 2.48 25.50 -0.27
C LEU A 264 2.33 24.14 -0.96
N SER A 265 1.13 23.81 -1.40
CA SER A 265 0.94 22.60 -2.21
C SER A 265 1.90 22.58 -3.39
N GLU A 266 1.95 23.70 -4.13
CA GLU A 266 2.87 23.81 -5.25
C GLU A 266 4.31 23.62 -4.80
N GLU A 267 4.71 24.31 -3.74
CA GLU A 267 6.09 24.23 -3.27
C GLU A 267 6.45 22.80 -2.89
N LEU A 268 5.66 22.19 -2.01
CA LEU A 268 5.97 20.84 -1.54
C LEU A 268 5.98 19.85 -2.70
N HIS A 269 5.01 19.94 -3.59
CA HIS A 269 4.99 19.07 -4.75
C HIS A 269 6.28 19.21 -5.56
N ARG A 270 6.75 20.45 -5.72
CA ARG A 270 8.03 20.68 -6.37
C ARG A 270 9.18 20.08 -5.56
N ALA A 271 9.30 20.49 -4.29
CA ALA A 271 10.45 20.10 -3.47
C ALA A 271 10.54 18.59 -3.26
N TRP A 272 9.45 17.86 -3.41
CA TRP A 272 9.49 16.41 -3.25
C TRP A 272 9.71 15.68 -4.57
N GLY A 273 9.84 16.41 -5.67
CA GLY A 273 10.22 15.83 -6.94
C GLY A 273 9.11 15.60 -7.93
N GLY A 274 7.98 16.30 -7.80
CA GLY A 274 6.82 16.08 -8.65
C GLY A 274 6.98 16.49 -10.10
N GLN A 275 8.03 17.24 -10.44
CA GLN A 275 8.24 17.66 -11.82
C GLN A 275 9.28 16.77 -12.51
N ASP A 278 7.43 10.65 -13.34
CA ASP A 278 6.99 9.46 -12.60
C ASP A 278 7.87 9.20 -11.39
N PHE A 279 8.23 10.27 -10.67
CA PHE A 279 9.06 10.13 -9.47
C PHE A 279 8.21 9.89 -8.23
N LEU A 280 7.30 10.83 -7.93
CA LEU A 280 6.36 10.65 -6.83
C LEU A 280 5.40 9.50 -7.15
N PRO A 281 4.82 8.87 -6.12
CA PRO A 281 3.80 7.85 -6.38
C PRO A 281 2.57 8.48 -7.02
N GLY A 282 1.87 7.66 -7.82
CA GLY A 282 0.73 8.14 -8.58
C GLY A 282 -0.33 8.80 -7.73
N GLU A 283 -0.44 8.44 -6.46
CA GLU A 283 -1.44 9.02 -5.57
C GLU A 283 -1.05 10.36 -4.99
N LEU A 284 0.23 10.75 -5.08
CA LEU A 284 0.72 12.02 -4.55
C LEU A 284 0.99 12.98 -5.72
N HIS A 285 -0.03 13.72 -6.12
CA HIS A 285 0.06 14.79 -7.10
C HIS A 285 -0.46 16.08 -6.48
N LEU A 286 -0.43 17.18 -7.27
CA LEU A 286 -0.77 18.48 -6.73
C LEU A 286 -2.13 18.49 -6.05
N GLY A 287 -3.12 17.83 -6.66
CA GLY A 287 -4.45 17.81 -6.08
C GLY A 287 -4.52 17.07 -4.75
N SER A 288 -3.89 15.89 -4.67
CA SER A 288 -3.94 15.14 -3.41
C SER A 288 -3.02 15.76 -2.36
N MET A 289 -1.90 16.33 -2.78
CA MET A 289 -1.09 17.14 -1.88
C MET A 289 -1.92 18.27 -1.27
N ARG A 290 -2.64 18.99 -2.12
CA ARG A 290 -3.54 20.04 -1.64
C ARG A 290 -4.57 19.48 -0.66
N ARG A 291 -5.05 18.26 -0.92
CA ARG A 291 -6.04 17.66 -0.03
C ARG A 291 -5.43 17.36 1.34
N MET A 292 -4.21 16.81 1.35
CA MET A 292 -3.56 16.51 2.62
C MET A 292 -3.32 17.76 3.43
N LEU A 293 -2.88 18.84 2.79
CA LEU A 293 -2.59 20.08 3.51
C LEU A 293 -3.87 20.68 4.06
N GLU A 294 -4.97 20.57 3.31
CA GLU A 294 -6.28 20.94 3.82
C GLU A 294 -6.61 20.17 5.09
N ILE A 295 -6.38 18.85 5.08
CA ILE A 295 -6.68 18.03 6.24
C ILE A 295 -5.82 18.45 7.43
N LEU A 296 -4.51 18.64 7.21
CA LEU A 296 -3.64 19.05 8.31
C LEU A 296 -3.99 20.44 8.83
N SER A 297 -4.38 21.36 7.93
CA SER A 297 -4.75 22.71 8.36
C SER A 297 -5.97 22.67 9.27
N ARG A 298 -6.98 21.87 8.92
CA ARG A 298 -8.20 21.82 9.70
C ARG A 298 -7.97 21.26 11.08
N GLN A 299 -7.23 20.15 11.17
CA GLN A 299 -6.94 19.48 12.44
C GLN A 299 -5.78 20.13 13.17
N ALA A 300 -5.60 21.44 13.01
CA ALA A 300 -4.54 22.21 13.66
C ALA A 300 -4.84 23.69 13.51
FE FE B . -3.08 4.93 -0.60
FE FE C . -0.66 3.94 -2.57
#